data_1O8S
#
_entry.id   1O8S
#
_cell.length_a   36.090
_cell.length_b   52.069
_cell.length_c   64.743
_cell.angle_alpha   90.00
_cell.angle_beta   90.00
_cell.angle_gamma   90.00
#
_symmetry.space_group_name_H-M   'P 21 21 21'
#
loop_
_entity.id
_entity.type
_entity.pdbx_description
1 polymer 'PUTATIVE ENDO-XYLANASE'
2 branched beta-D-glucopyranose-(1-4)-beta-D-glucopyranose
3 non-polymer 'CALCIUM ION'
4 water water
#
_entity_poly.entity_id   1
_entity_poly.type   'polypeptide(L)'
_entity_poly.pdbx_seq_one_letter_code
;MGSSHHHHHHSSGLVPRGSHMASTPANVNSGPTSPVGGTRSAFSNIQAEDYDSSYGPNLQIFSLPGGGSAIGYIENGYST
TYKNIDFGDGATSVTARVATQNATTIQVRLGSPSGTLLGTIYVGSTGSFDTYRDVSATISNTAGVKDIVLVFSGPVNVDW
FVFSKSGT
;
_entity_poly.pdbx_strand_id   A
#
loop_
_chem_comp.id
_chem_comp.type
_chem_comp.name
_chem_comp.formula
BGC D-saccharide, beta linking beta-D-glucopyranose 'C6 H12 O6'
CA non-polymer 'CALCIUM ION' 'Ca 2'
#
# COMPACT_ATOMS: atom_id res chain seq x y z
N VAL A 36 20.24 -12.06 0.70
CA VAL A 36 19.78 -11.36 -0.53
C VAL A 36 18.33 -11.76 -0.89
N GLY A 37 17.47 -10.76 -0.95
CA GLY A 37 16.06 -10.96 -1.21
C GLY A 37 15.44 -11.72 -0.05
N GLY A 38 15.86 -11.40 1.18
CA GLY A 38 15.28 -12.07 2.31
C GLY A 38 13.88 -11.50 2.62
N THR A 39 13.34 -11.95 3.73
CA THR A 39 12.07 -11.46 4.24
C THR A 39 12.12 -9.95 4.38
N ARG A 40 11.06 -9.28 3.94
CA ARG A 40 10.97 -7.81 4.01
C ARG A 40 10.38 -7.41 5.33
N SER A 41 10.99 -6.43 5.97
CA SER A 41 10.47 -5.89 7.22
C SER A 41 9.27 -5.00 6.98
N ALA A 42 8.28 -5.10 7.85
CA ALA A 42 7.13 -4.19 7.82
C ALA A 42 7.51 -2.77 8.19
N PHE A 43 8.66 -2.60 8.87
CA PHE A 43 9.04 -1.36 9.50
C PHE A 43 9.98 -0.51 8.65
N SER A 44 10.34 -0.98 7.46
CA SER A 44 11.09 -0.23 6.47
C SER A 44 10.22 -0.13 5.22
N ASN A 45 10.43 0.89 4.41
CA ASN A 45 9.53 1.11 3.30
C ASN A 45 9.44 -0.10 2.39
N ILE A 46 8.20 -0.43 2.01
CA ILE A 46 7.89 -1.46 1.06
C ILE A 46 7.49 -0.73 -0.22
N GLN A 47 8.23 -0.94 -1.28
CA GLN A 47 7.91 -0.26 -2.57
C GLN A 47 6.63 -0.86 -3.15
N ALA A 48 5.70 -0.01 -3.53
CA ALA A 48 4.40 -0.49 -3.98
C ALA A 48 4.51 -1.25 -5.25
N GLU A 49 5.51 -0.98 -6.07
CA GLU A 49 5.73 -1.75 -7.31
C GLU A 49 6.28 -3.17 -7.07
N ASP A 50 6.67 -3.49 -5.85
CA ASP A 50 7.29 -4.77 -5.48
C ASP A 50 6.27 -5.81 -5.03
N TYR A 51 5.13 -5.82 -5.67
CA TYR A 51 4.07 -6.77 -5.38
C TYR A 51 4.36 -8.12 -6.02
N ASP A 52 3.85 -9.16 -5.37
CA ASP A 52 4.00 -10.55 -5.81
C ASP A 52 2.86 -11.07 -6.64
N SER A 53 1.69 -10.47 -6.48
CA SER A 53 0.51 -10.80 -7.30
C SER A 53 -0.40 -9.59 -7.28
N SER A 54 -1.41 -9.57 -8.15
CA SER A 54 -2.29 -8.41 -8.25
C SER A 54 -3.54 -8.78 -9.01
N TYR A 55 -4.58 -7.98 -8.79
CA TYR A 55 -5.71 -7.87 -9.72
C TYR A 55 -5.75 -6.46 -10.23
N GLY A 56 -5.57 -6.27 -11.53
CA GLY A 56 -5.63 -4.91 -12.08
C GLY A 56 -5.28 -4.93 -13.54
N PRO A 57 -6.25 -5.14 -14.43
CA PRO A 57 -5.95 -5.27 -15.87
C PRO A 57 -5.23 -4.09 -16.48
N ASN A 58 -5.46 -2.89 -15.94
CA ASN A 58 -4.82 -1.70 -16.48
C ASN A 58 -3.74 -1.12 -15.57
N LEU A 59 -3.48 -1.74 -14.44
CA LEU A 59 -2.52 -1.23 -13.46
C LEU A 59 -1.17 -1.25 -14.08
N GLN A 60 -0.43 -0.15 -13.89
CA GLN A 60 0.91 0.03 -14.46
C GLN A 60 1.90 0.47 -13.40
N ILE A 61 3.15 0.07 -13.57
CA ILE A 61 4.32 0.60 -12.88
C ILE A 61 4.96 1.65 -13.77
N PHE A 62 5.31 2.79 -13.22
CA PHE A 62 5.97 3.84 -13.98
C PHE A 62 6.95 4.60 -13.12
N SER A 63 7.91 5.22 -13.78
CA SER A 63 8.97 5.97 -13.10
C SER A 63 8.47 7.31 -12.61
N LEU A 64 9.01 7.73 -11.48
CA LEU A 64 8.74 9.02 -10.87
C LEU A 64 9.88 10.00 -11.15
N PRO A 65 9.58 11.28 -11.31
CA PRO A 65 10.62 12.29 -11.55
C PRO A 65 11.70 12.33 -10.50
N GLY A 66 11.34 12.13 -9.23
CA GLY A 66 12.29 12.25 -8.14
C GLY A 66 13.09 11.01 -7.88
N GLY A 67 12.89 9.98 -8.66
CA GLY A 67 13.52 8.65 -8.53
C GLY A 67 12.51 7.59 -8.09
N GLY A 68 12.86 6.37 -8.38
CA GLY A 68 11.99 5.26 -8.10
C GLY A 68 10.76 5.20 -8.98
N SER A 69 9.78 4.44 -8.52
CA SER A 69 8.59 4.11 -9.32
C SER A 69 7.37 4.09 -8.43
N ALA A 70 6.21 4.12 -9.08
CA ALA A 70 4.92 4.00 -8.42
C ALA A 70 4.05 3.07 -9.22
N ILE A 71 2.97 2.60 -8.57
CA ILE A 71 1.86 1.96 -9.24
C ILE A 71 0.74 2.98 -9.46
N GLY A 72 0.04 2.84 -10.57
CA GLY A 72 -1.08 3.69 -10.91
C GLY A 72 -1.92 3.08 -12.00
N TYR A 73 -2.74 3.93 -12.60
CA TYR A 73 -3.84 3.46 -13.48
C TYR A 73 -4.73 2.47 -12.77
N ILE A 74 -4.97 2.75 -11.50
CA ILE A 74 -5.74 1.92 -10.62
C ILE A 74 -7.22 2.28 -10.69
N GLU A 75 -8.09 1.29 -10.50
CA GLU A 75 -9.52 1.46 -10.50
C GLU A 75 -10.10 0.74 -9.28
N ASN A 76 -11.35 1.05 -8.99
CA ASN A 76 -12.09 0.38 -7.95
C ASN A 76 -12.00 -1.14 -8.10
N GLY A 77 -11.65 -1.81 -7.00
CA GLY A 77 -11.55 -3.25 -6.95
C GLY A 77 -10.21 -3.83 -7.30
N TYR A 78 -9.27 -2.99 -7.73
CA TYR A 78 -7.91 -3.46 -7.97
C TYR A 78 -7.25 -3.79 -6.65
N SER A 79 -6.23 -4.64 -6.71
CA SER A 79 -5.44 -4.94 -5.53
C SER A 79 -4.02 -5.34 -5.88
N THR A 80 -3.13 -5.17 -4.90
CA THR A 80 -1.77 -5.69 -5.01
C THR A 80 -1.45 -6.43 -3.71
N THR A 81 -0.74 -7.53 -3.83
CA THR A 81 -0.39 -8.42 -2.73
C THR A 81 1.11 -8.49 -2.56
N TYR A 82 1.53 -8.41 -1.28
CA TYR A 82 2.95 -8.36 -0.89
C TYR A 82 3.15 -9.52 0.10
N LYS A 83 3.88 -10.53 -0.36
CA LYS A 83 4.08 -11.73 0.44
C LYS A 83 5.14 -11.54 1.48
N ASN A 84 4.95 -12.24 2.57
CA ASN A 84 6.00 -12.44 3.56
C ASN A 84 6.60 -11.16 4.14
N ILE A 85 5.72 -10.33 4.67
CA ILE A 85 6.11 -9.09 5.34
C ILE A 85 6.24 -9.39 6.80
N ASP A 86 7.39 -9.05 7.40
CA ASP A 86 7.66 -9.39 8.82
C ASP A 86 7.27 -8.24 9.73
N PHE A 87 6.15 -8.44 10.41
CA PHE A 87 5.65 -7.48 11.41
C PHE A 87 6.25 -7.68 12.79
N GLY A 88 7.15 -8.65 12.94
CA GLY A 88 7.79 -8.86 14.23
C GLY A 88 6.75 -9.06 15.30
N ASP A 89 6.88 -8.35 16.41
CA ASP A 89 5.93 -8.52 17.52
C ASP A 89 4.80 -7.52 17.47
N GLY A 90 4.60 -6.84 16.34
CA GLY A 90 3.38 -6.10 16.10
C GLY A 90 3.55 -4.70 15.55
N ALA A 91 2.63 -4.34 14.67
CA ALA A 91 2.47 -2.98 14.18
C ALA A 91 0.99 -2.61 14.27
N THR A 92 0.72 -1.34 14.55
CA THR A 92 -0.63 -0.79 14.66
C THR A 92 -0.87 0.47 13.83
N SER A 93 0.06 0.81 12.96
CA SER A 93 -0.12 1.93 12.07
C SER A 93 0.51 1.65 10.73
N VAL A 94 -0.06 2.28 9.72
CA VAL A 94 0.47 2.23 8.34
C VAL A 94 0.55 3.66 7.81
N THR A 95 1.59 3.93 7.03
CA THR A 95 1.76 5.16 6.29
C THR A 95 2.03 4.81 4.83
N ALA A 96 1.35 5.48 3.91
CA ALA A 96 1.57 5.30 2.48
C ALA A 96 1.87 6.66 1.84
N ARG A 97 2.80 6.64 0.88
CA ARG A 97 3.16 7.80 0.08
C ARG A 97 2.41 7.67 -1.23
N VAL A 98 1.45 8.58 -1.41
CA VAL A 98 0.41 8.49 -2.40
C VAL A 98 0.16 9.83 -3.11
N ALA A 99 -0.49 9.74 -4.26
CA ALA A 99 -0.92 10.90 -5.04
C ALA A 99 -2.28 10.62 -5.60
N THR A 100 -3.18 11.61 -5.55
CA THR A 100 -4.49 11.50 -6.20
C THR A 100 -5.12 12.87 -6.33
N GLN A 101 -6.13 12.95 -7.19
CA GLN A 101 -6.90 14.18 -7.34
C GLN A 101 -8.29 14.15 -6.73
N ASN A 102 -8.72 13.00 -6.20
CA ASN A 102 -10.06 12.88 -5.65
C ASN A 102 -9.98 11.88 -4.50
N ALA A 103 -10.71 12.16 -3.45
CA ALA A 103 -10.69 11.35 -2.25
C ALA A 103 -10.98 9.91 -2.55
N THR A 104 -10.21 9.05 -1.92
CA THR A 104 -10.38 7.63 -2.10
C THR A 104 -9.87 6.90 -0.88
N THR A 105 -9.99 5.59 -0.88
CA THR A 105 -9.48 4.77 0.22
C THR A 105 -8.67 3.59 -0.25
N ILE A 106 -7.76 3.18 0.60
CA ILE A 106 -6.97 1.98 0.38
C ILE A 106 -7.17 1.08 1.60
N GLN A 107 -7.77 -0.08 1.39
CA GLN A 107 -7.93 -1.10 2.44
C GLN A 107 -6.64 -1.88 2.56
N VAL A 108 -6.24 -2.16 3.79
CA VAL A 108 -5.13 -3.02 4.09
C VAL A 108 -5.71 -4.32 4.64
N ARG A 109 -5.50 -5.41 3.91
CA ARG A 109 -6.12 -6.68 4.26
C ARG A 109 -5.10 -7.78 4.41
N LEU A 110 -5.47 -8.79 5.20
CA LEU A 110 -4.60 -9.94 5.49
C LEU A 110 -4.83 -11.06 4.47
N GLY A 111 -3.77 -11.44 3.80
CA GLY A 111 -3.76 -12.66 3.01
C GLY A 111 -4.32 -12.56 1.60
N SER A 112 -5.52 -12.01 1.43
CA SER A 112 -6.18 -11.99 0.15
C SER A 112 -7.03 -10.73 0.09
N PRO A 113 -7.48 -10.34 -1.11
CA PRO A 113 -8.35 -9.16 -1.24
C PRO A 113 -9.66 -9.24 -0.47
N SER A 114 -10.10 -10.46 -0.12
CA SER A 114 -11.31 -10.64 0.67
C SER A 114 -10.98 -11.07 2.11
N GLY A 115 -9.71 -11.04 2.50
CA GLY A 115 -9.27 -11.38 3.84
C GLY A 115 -9.59 -10.29 4.87
N THR A 116 -9.17 -10.56 6.10
CA THR A 116 -9.47 -9.68 7.23
C THR A 116 -9.05 -8.25 6.91
N LEU A 117 -9.93 -7.32 7.18
CA LEU A 117 -9.64 -5.90 7.00
C LEU A 117 -8.89 -5.40 8.22
N LEU A 118 -7.63 -5.05 8.03
CA LEU A 118 -6.76 -4.55 9.10
C LEU A 118 -6.98 -3.07 9.38
N GLY A 119 -7.23 -2.31 8.33
CA GLY A 119 -7.48 -0.89 8.46
C GLY A 119 -7.71 -0.29 7.08
N THR A 120 -8.07 0.98 7.08
CA THR A 120 -8.40 1.70 5.84
C THR A 120 -7.67 3.03 5.87
N ILE A 121 -6.89 3.30 4.83
CA ILE A 121 -6.21 4.57 4.63
C ILE A 121 -7.14 5.46 3.82
N TYR A 122 -7.45 6.62 4.39
CA TYR A 122 -8.21 7.65 3.75
C TYR A 122 -7.24 8.60 3.04
N VAL A 123 -7.38 8.65 1.72
CA VAL A 123 -6.50 9.43 0.88
C VAL A 123 -7.31 10.58 0.30
N GLY A 124 -7.15 11.74 0.89
CA GLY A 124 -7.70 12.94 0.33
C GLY A 124 -6.85 13.37 -0.90
N SER A 125 -7.31 14.38 -1.61
CA SER A 125 -6.56 14.87 -2.74
C SER A 125 -5.21 15.42 -2.33
N THR A 126 -4.21 15.09 -3.14
CA THR A 126 -2.92 15.75 -3.09
C THR A 126 -2.77 16.79 -4.17
N GLY A 127 -3.88 17.16 -4.84
CA GLY A 127 -3.90 18.18 -5.85
C GLY A 127 -3.51 17.73 -7.23
N SER A 128 -2.77 16.65 -7.36
CA SER A 128 -2.22 16.19 -8.62
C SER A 128 -1.80 14.75 -8.46
N PHE A 129 -1.95 13.96 -9.51
CA PHE A 129 -1.37 12.62 -9.60
C PHE A 129 0.11 12.60 -9.54
N ASP A 130 0.76 13.77 -9.65
CA ASP A 130 2.21 13.86 -9.56
C ASP A 130 2.71 14.45 -8.25
N THR A 131 1.84 14.78 -7.30
CA THR A 131 2.21 15.34 -6.01
C THR A 131 1.97 14.28 -4.96
N TYR A 132 3.04 13.75 -4.37
CA TYR A 132 2.96 12.66 -3.41
C TYR A 132 3.08 13.19 -1.99
N ARG A 133 2.23 12.65 -1.13
CA ARG A 133 2.18 13.02 0.27
C ARG A 133 1.97 11.75 1.07
N ASP A 134 2.34 11.81 2.34
CA ASP A 134 2.22 10.66 3.26
C ASP A 134 0.91 10.77 3.99
N VAL A 135 0.15 9.69 4.00
CA VAL A 135 -1.09 9.58 4.75
C VAL A 135 -1.01 8.30 5.61
N SER A 136 -1.56 8.36 6.80
CA SER A 136 -1.50 7.28 7.75
C SER A 136 -2.86 6.84 8.22
N ALA A 137 -2.88 5.63 8.78
CA ALA A 137 -4.07 5.05 9.39
C ALA A 137 -3.70 4.07 10.46
N THR A 138 -4.58 3.85 11.42
CA THR A 138 -4.44 2.78 12.38
C THR A 138 -4.80 1.43 11.72
N ILE A 139 -4.08 0.39 12.10
CA ILE A 139 -4.48 -0.95 11.75
C ILE A 139 -4.58 -1.78 13.03
N SER A 140 -5.40 -2.80 12.98
CA SER A 140 -5.41 -3.78 14.03
C SER A 140 -4.02 -4.35 14.18
N ASN A 141 -3.61 -4.69 15.40
CA ASN A 141 -2.30 -5.24 15.65
C ASN A 141 -2.02 -6.43 14.80
N THR A 142 -0.96 -6.32 14.00
CA THR A 142 -0.55 -7.36 13.06
C THR A 142 0.88 -7.74 13.42
N ALA A 143 1.13 -9.03 13.58
CA ALA A 143 2.43 -9.56 14.04
C ALA A 143 2.85 -10.76 13.23
N GLY A 144 4.13 -11.10 13.25
CA GLY A 144 4.64 -12.23 12.54
C GLY A 144 4.77 -11.94 11.09
N VAL A 145 5.07 -12.97 10.31
CA VAL A 145 5.26 -12.85 8.90
C VAL A 145 3.94 -13.10 8.21
N LYS A 146 3.48 -12.10 7.48
CA LYS A 146 2.13 -12.05 6.92
C LYS A 146 2.13 -11.62 5.46
N ASP A 147 1.16 -12.10 4.71
CA ASP A 147 0.92 -11.58 3.34
C ASP A 147 -0.06 -10.43 3.49
N ILE A 148 0.25 -9.29 2.88
CA ILE A 148 -0.54 -8.09 2.99
C ILE A 148 -1.07 -7.69 1.62
N VAL A 149 -2.36 -7.30 1.60
CA VAL A 149 -3.02 -6.88 0.36
C VAL A 149 -3.51 -5.45 0.50
N LEU A 150 -3.23 -4.65 -0.52
CA LEU A 150 -3.84 -3.31 -0.65
C LEU A 150 -4.97 -3.42 -1.66
N VAL A 151 -6.17 -2.99 -1.26
CA VAL A 151 -7.37 -3.03 -2.10
C VAL A 151 -7.83 -1.61 -2.33
N PHE A 152 -7.93 -1.23 -3.59
CA PHE A 152 -8.16 0.13 -4.01
C PHE A 152 -9.62 0.40 -4.30
N SER A 153 -10.12 1.55 -3.87
CA SER A 153 -11.50 1.92 -4.18
C SER A 153 -11.63 2.87 -5.36
N GLY A 154 -10.51 3.43 -5.84
CA GLY A 154 -10.51 4.38 -6.93
C GLY A 154 -9.13 4.82 -7.29
N PRO A 155 -9.00 5.69 -8.29
CA PRO A 155 -7.68 6.10 -8.76
C PRO A 155 -6.80 6.71 -7.67
N VAL A 156 -5.57 6.22 -7.59
CA VAL A 156 -4.53 6.67 -6.67
C VAL A 156 -3.22 6.11 -7.19
N ASN A 157 -2.14 6.87 -7.00
CA ASN A 157 -0.80 6.38 -7.30
C ASN A 157 -0.09 6.13 -5.98
N VAL A 158 0.63 5.02 -5.89
CA VAL A 158 1.27 4.63 -4.64
C VAL A 158 2.75 4.41 -4.92
N ASP A 159 3.60 5.11 -4.17
CA ASP A 159 5.05 4.96 -4.22
C ASP A 159 5.52 3.83 -3.30
N TRP A 160 5.19 3.93 -2.02
CA TRP A 160 5.63 2.97 -1.00
C TRP A 160 4.67 3.05 0.16
N PHE A 161 4.80 2.09 1.08
CA PHE A 161 4.06 2.08 2.32
C PHE A 161 4.91 1.42 3.38
N VAL A 162 4.61 1.68 4.65
CA VAL A 162 5.44 1.21 5.77
C VAL A 162 4.57 1.18 7.00
N PHE A 163 4.95 0.34 7.95
CA PHE A 163 4.22 0.15 9.18
C PHE A 163 5.03 0.58 10.36
N SER A 164 4.32 0.82 11.48
CA SER A 164 4.96 1.29 12.71
C SER A 164 4.10 0.87 13.90
N LYS A 165 4.67 0.90 15.10
CA LYS A 165 3.85 0.80 16.33
C LYS A 165 3.43 2.17 16.67
N SER A 166 2.15 2.40 16.77
CA SER A 166 1.71 3.71 17.23
C SER A 166 2.31 3.88 18.63
N GLY A 167 3.02 4.86 18.87
C2 BGC B . -7.47 10.06 -17.75
C3 BGC B . -6.42 9.30 -16.96
C4 BGC B . -6.80 9.29 -15.46
C5 BGC B . -8.22 8.77 -15.30
C6 BGC B . -8.66 8.60 -13.85
C1 BGC B . -8.84 9.45 -17.43
O1 BGC B . -9.83 10.10 -18.16
O2 BGC B . -7.14 9.97 -19.13
O3 BGC B . -5.15 9.88 -17.21
O4 BGC B . -6.04 8.29 -14.84
O5 BGC B . -9.11 9.61 -16.04
O6 BGC B . -8.39 9.80 -13.17
C2 BGC B . -4.32 7.54 -13.43
C3 BGC B . -3.02 7.90 -12.77
C4 BGC B . -2.08 8.69 -13.67
C5 BGC B . -2.80 9.83 -14.32
C6 BGC B . -1.86 10.57 -15.26
C1 BGC B . -4.90 8.76 -14.13
O2 BGC B . -5.20 6.98 -12.46
O3 BGC B . -2.42 6.73 -12.30
O4 BGC B . -1.04 9.18 -12.87
O5 BGC B . -3.90 9.32 -14.98
O6 BGC B . -2.57 11.63 -15.87
CA CA C . 8.10 3.08 -5.17
#